data_1LES
#
_entry.id   1LES
#
_cell.length_a   50.030
_cell.length_b   124.800
_cell.length_c   50.020
_cell.angle_alpha   90.00
_cell.angle_beta   111.80
_cell.angle_gamma   90.00
#
_symmetry.space_group_name_H-M   'P 1 21 1'
#
loop_
_entity.id
_entity.type
_entity.pdbx_description
1 polymer 'LENTIL LECTIN'
2 polymer 'LENTIL LECTIN'
3 branched beta-D-fructofuranose-(2-1)-alpha-D-glucopyranose
4 non-polymer 'CALCIUM ION'
5 non-polymer 'MANGANESE (II) ION'
6 water water
#
loop_
_entity_poly.entity_id
_entity_poly.type
_entity_poly.pdbx_seq_one_letter_code
_entity_poly.pdbx_strand_id
1 'polypeptide(L)'
;TETTSFSITKFSPDQQNLIFQGDGYTTKGKLTLTKAVKSTVGRALYSTPIHIWDRDTGNVANFVTSFTFVIDAPSSYNVA
DGFTFFIAPVDTKPQTGGGYLGVFNSKEYDKTSQTVAVEFDTFYNAAWDPSNKERHIGIDVNSIKSVNTKSWNLQNGERA
NVVIAFNAATNVLTVTLTYPN
;
A,C
2 'polypeptide(L)' VTSYTLNEVVPLKDVVPEWVRIGFSATTGAEFAAHEVHSWSFHSQLGHTSKS B,D
#
# COMPACT_ATOMS: atom_id res chain seq x y z
N THR A 1 1.50 -16.21 -3.06
CA THR A 1 1.73 -14.99 -3.90
C THR A 1 1.24 -13.73 -3.22
N GLU A 2 2.02 -12.65 -3.39
CA GLU A 2 1.63 -11.36 -2.89
C GLU A 2 1.95 -10.42 -4.03
N THR A 3 1.02 -9.56 -4.41
CA THR A 3 1.32 -8.57 -5.40
C THR A 3 0.88 -7.27 -4.80
N THR A 4 1.62 -6.20 -5.14
CA THR A 4 1.35 -4.83 -4.73
C THR A 4 1.51 -4.02 -6.00
N SER A 5 0.65 -3.06 -6.18
CA SER A 5 0.72 -2.26 -7.34
C SER A 5 0.06 -0.88 -7.06
N PHE A 6 0.63 0.21 -7.57
CA PHE A 6 0.07 1.55 -7.35
C PHE A 6 0.48 2.45 -8.49
N SER A 7 -0.22 3.54 -8.66
CA SER A 7 0.03 4.46 -9.72
C SER A 7 -0.48 5.82 -9.30
N ILE A 8 0.34 6.86 -9.40
CA ILE A 8 -0.06 8.21 -9.01
C ILE A 8 0.36 9.14 -10.17
N THR A 9 -0.60 9.76 -10.85
CA THR A 9 -0.26 10.65 -11.97
C THR A 9 -0.36 12.13 -11.63
N LYS A 10 -0.72 12.42 -10.39
CA LYS A 10 -0.90 13.76 -9.94
C LYS A 10 -0.92 13.70 -8.41
N PHE A 11 0.02 14.33 -7.73
CA PHE A 11 0.10 14.27 -6.30
C PHE A 11 -0.85 15.24 -5.64
N SER A 12 -1.45 14.81 -4.53
CA SER A 12 -2.39 15.61 -3.73
C SER A 12 -1.62 16.40 -2.70
N PRO A 13 -2.20 17.48 -2.20
CA PRO A 13 -1.57 18.32 -1.19
C PRO A 13 -1.42 17.50 0.06
N ASP A 14 -2.28 16.51 0.22
CA ASP A 14 -2.16 15.65 1.39
C ASP A 14 -2.09 14.19 0.94
N GLN A 15 -0.88 13.74 0.59
CA GLN A 15 -0.70 12.37 0.16
C GLN A 15 -0.41 11.59 1.41
N GLN A 16 -1.47 11.01 1.99
CA GLN A 16 -1.33 10.20 3.16
C GLN A 16 -0.63 8.89 2.93
N ASN A 17 -0.59 8.38 1.70
CA ASN A 17 0.11 7.14 1.45
C ASN A 17 1.62 7.33 1.18
N LEU A 18 2.15 8.54 1.46
CA LEU A 18 3.58 8.83 1.30
C LEU A 18 4.15 9.30 2.64
N ILE A 19 5.41 9.00 2.93
CA ILE A 19 6.07 9.48 4.14
C ILE A 19 7.10 10.50 3.62
N PHE A 20 7.01 11.76 4.06
CA PHE A 20 7.94 12.81 3.61
C PHE A 20 9.04 13.00 4.61
N GLN A 21 10.28 13.15 4.12
CA GLN A 21 11.41 13.39 4.98
C GLN A 21 12.23 14.61 4.47
N GLY A 22 12.93 15.28 5.37
CA GLY A 22 13.69 16.45 4.99
C GLY A 22 12.77 17.47 4.41
N ASP A 23 13.12 18.04 3.28
CA ASP A 23 12.29 19.07 2.68
C ASP A 23 11.26 18.58 1.69
N GLY A 24 11.02 17.28 1.58
CA GLY A 24 10.08 16.83 0.56
C GLY A 24 8.66 17.28 0.84
N TYR A 25 7.89 17.62 -0.20
CA TYR A 25 6.51 18.05 -0.04
C TYR A 25 5.83 18.06 -1.37
N THR A 26 4.50 18.08 -1.40
CA THR A 26 3.78 18.08 -2.68
C THR A 26 3.20 19.46 -2.89
N THR A 27 3.14 19.88 -4.15
CA THR A 27 2.63 21.19 -4.51
C THR A 27 2.27 21.27 -5.99
N LYS A 28 1.14 21.87 -6.31
CA LYS A 28 0.75 21.97 -7.68
C LYS A 28 0.63 20.64 -8.40
N GLY A 29 0.37 19.55 -7.70
CA GLY A 29 0.23 18.27 -8.40
C GLY A 29 1.55 17.54 -8.56
N LYS A 30 2.64 18.07 -7.98
CA LYS A 30 3.93 17.41 -8.11
C LYS A 30 4.56 17.09 -6.79
N LEU A 31 5.56 16.25 -6.83
CA LEU A 31 6.29 15.94 -5.64
C LEU A 31 7.64 16.69 -5.76
N THR A 32 7.89 17.63 -4.86
CA THR A 32 9.10 18.42 -4.84
C THR A 32 10.08 17.87 -3.83
N LEU A 33 11.21 17.32 -4.27
CA LEU A 33 12.19 16.85 -3.31
C LEU A 33 13.10 18.00 -2.78
N THR A 34 13.55 18.89 -3.66
CA THR A 34 14.33 20.06 -3.21
C THR A 34 13.98 21.17 -4.14
N LYS A 35 14.06 22.37 -3.58
CA LYS A 35 13.91 23.61 -4.35
C LYS A 35 15.39 23.92 -4.74
N ALA A 36 15.62 24.92 -5.57
CA ALA A 36 17.01 25.23 -5.97
C ALA A 36 17.61 26.10 -4.88
N VAL A 37 18.06 25.49 -3.79
CA VAL A 37 18.63 26.16 -2.64
C VAL A 37 19.78 25.30 -2.17
N LYS A 38 20.74 25.89 -1.44
CA LYS A 38 21.92 25.17 -1.01
C LYS A 38 21.68 24.19 0.12
N SER A 39 22.57 23.22 0.23
CA SER A 39 22.56 22.29 1.32
C SER A 39 21.21 21.85 1.86
N THR A 40 20.48 21.08 1.08
CA THR A 40 19.20 20.62 1.59
C THR A 40 18.96 19.18 1.17
N VAL A 41 18.03 18.49 1.81
CA VAL A 41 17.75 17.09 1.46
C VAL A 41 16.26 16.89 1.54
N GLY A 42 15.70 16.18 0.56
CA GLY A 42 14.28 15.89 0.54
C GLY A 42 14.13 14.40 0.19
N ARG A 43 13.26 13.66 0.88
CA ARG A 43 13.02 12.23 0.53
C ARG A 43 11.51 11.97 0.67
N ALA A 44 11.01 11.04 -0.12
CA ALA A 44 9.58 10.65 -0.06
C ALA A 44 9.55 9.13 -0.25
N LEU A 45 8.95 8.45 0.72
CA LEU A 45 8.85 7.00 0.66
C LEU A 45 7.36 6.58 0.49
N TYR A 46 7.11 5.50 -0.22
CA TYR A 46 5.73 5.00 -0.27
C TYR A 46 5.52 4.41 1.15
N SER A 47 4.34 4.63 1.75
CA SER A 47 4.19 4.20 3.16
C SER A 47 4.17 2.71 3.45
N THR A 48 3.68 1.91 2.52
CA THR A 48 3.61 0.47 2.78
C THR A 48 4.86 -0.34 2.61
N PRO A 49 5.15 -1.21 3.59
CA PRO A 49 6.35 -2.01 3.42
C PRO A 49 6.04 -2.97 2.29
N ILE A 50 7.03 -3.27 1.46
CA ILE A 50 6.92 -4.14 0.30
C ILE A 50 7.66 -5.43 0.70
N HIS A 51 7.06 -6.58 0.34
CA HIS A 51 7.64 -7.90 0.66
C HIS A 51 8.51 -8.18 -0.54
N ILE A 52 9.84 -8.11 -0.37
CA ILE A 52 10.74 -8.23 -1.50
C ILE A 52 11.35 -9.60 -1.71
N TRP A 53 11.55 -10.32 -0.61
CA TRP A 53 11.98 -11.71 -0.65
C TRP A 53 11.38 -12.41 0.57
N ASP A 54 11.26 -13.73 0.48
CA ASP A 54 10.67 -14.50 1.55
C ASP A 54 11.64 -15.51 2.08
N ARG A 55 12.00 -15.38 3.34
CA ARG A 55 12.96 -16.28 3.97
C ARG A 55 12.55 -17.77 3.97
N ASP A 56 11.26 -18.07 4.02
CA ASP A 56 10.84 -19.47 4.02
C ASP A 56 11.00 -20.14 2.67
N THR A 57 10.45 -19.56 1.61
CA THR A 57 10.60 -20.16 0.31
C THR A 57 11.88 -19.77 -0.40
N GLY A 58 12.55 -18.71 0.04
CA GLY A 58 13.76 -18.27 -0.63
C GLY A 58 13.45 -17.50 -1.92
N ASN A 59 12.16 -17.34 -2.24
CA ASN A 59 11.70 -16.61 -3.44
C ASN A 59 12.02 -15.11 -3.35
N VAL A 60 12.29 -14.48 -4.48
CA VAL A 60 12.58 -13.05 -4.51
C VAL A 60 11.56 -12.49 -5.49
N ALA A 61 11.12 -11.27 -5.24
CA ALA A 61 10.15 -10.62 -6.10
C ALA A 61 10.70 -10.06 -7.38
N ASN A 62 9.85 -10.03 -8.41
CA ASN A 62 10.10 -9.36 -9.68
C ASN A 62 9.38 -8.04 -9.46
N PHE A 63 9.95 -6.92 -9.90
CA PHE A 63 9.24 -5.64 -9.77
C PHE A 63 9.62 -4.68 -10.88
N VAL A 64 8.77 -3.69 -11.11
CA VAL A 64 9.06 -2.71 -12.13
C VAL A 64 8.44 -1.42 -11.63
N THR A 65 9.17 -0.29 -11.73
CA THR A 65 8.66 1.04 -11.35
C THR A 65 8.96 2.03 -12.49
N SER A 66 8.07 2.98 -12.70
CA SER A 66 8.34 3.95 -13.72
C SER A 66 7.91 5.28 -13.12
N PHE A 67 8.63 6.35 -13.46
CA PHE A 67 8.34 7.67 -12.94
C PHE A 67 8.90 8.72 -13.88
N THR A 68 8.40 9.92 -13.75
CA THR A 68 8.83 11.03 -14.57
C THR A 68 9.44 12.03 -13.59
N PHE A 69 10.61 12.60 -13.88
CA PHE A 69 11.16 13.59 -12.95
C PHE A 69 11.82 14.74 -13.73
N VAL A 70 12.01 15.88 -13.10
CA VAL A 70 12.72 16.97 -13.75
C VAL A 70 13.73 17.61 -12.84
N ILE A 71 14.89 17.93 -13.42
CA ILE A 71 15.96 18.66 -12.70
C ILE A 71 16.01 20.05 -13.34
N ASP A 72 15.80 21.08 -12.53
CA ASP A 72 15.81 22.44 -13.03
C ASP A 72 16.91 23.20 -12.30
N ALA A 73 18.04 23.33 -13.00
CA ALA A 73 19.23 24.01 -12.47
C ALA A 73 19.36 25.47 -12.96
N PRO A 74 20.03 26.33 -12.19
CA PRO A 74 20.22 27.73 -12.57
C PRO A 74 20.91 27.86 -13.96
N SER A 75 21.83 26.94 -14.26
CA SER A 75 22.52 26.96 -15.54
C SER A 75 23.15 25.61 -15.63
N SER A 76 23.69 25.26 -16.80
CA SER A 76 24.36 23.98 -16.94
C SER A 76 25.69 23.86 -16.24
N TYR A 77 26.13 24.93 -15.61
CA TYR A 77 27.37 24.88 -14.88
C TYR A 77 27.20 24.90 -13.34
N ASN A 78 26.08 25.36 -12.80
CA ASN A 78 25.90 25.29 -11.35
C ASN A 78 24.79 24.24 -11.20
N VAL A 79 25.16 22.97 -11.00
CA VAL A 79 24.16 21.89 -10.84
C VAL A 79 24.63 20.82 -9.87
N ALA A 80 23.86 20.53 -8.84
CA ALA A 80 24.19 19.47 -7.89
C ALA A 80 22.95 19.27 -6.99
N ASP A 81 22.81 18.12 -6.34
CA ASP A 81 23.76 17.01 -6.41
C ASP A 81 23.23 15.81 -7.18
N GLY A 82 21.91 15.68 -7.24
CA GLY A 82 21.35 14.55 -7.97
C GLY A 82 20.10 13.99 -7.29
N PHE A 83 19.67 12.85 -7.79
CA PHE A 83 18.40 12.29 -7.38
C PHE A 83 18.54 10.79 -7.40
N THR A 84 17.81 10.09 -6.52
CA THR A 84 17.87 8.62 -6.56
C THR A 84 16.50 8.00 -6.32
N PHE A 85 16.36 6.77 -6.85
CA PHE A 85 15.21 5.90 -6.54
C PHE A 85 15.91 4.88 -5.61
N PHE A 86 15.38 4.60 -4.41
CA PHE A 86 16.08 3.64 -3.57
C PHE A 86 15.16 2.62 -2.87
N ILE A 87 15.78 1.56 -2.37
CA ILE A 87 15.11 0.43 -1.68
C ILE A 87 15.91 0.28 -0.41
N ALA A 88 15.26 0.46 0.74
CA ALA A 88 15.97 0.39 2.01
C ALA A 88 15.06 -0.26 3.06
N PRO A 89 15.58 -0.46 4.28
CA PRO A 89 14.87 -1.03 5.41
C PRO A 89 13.67 -0.14 5.71
N VAL A 90 12.67 -0.73 6.34
CA VAL A 90 11.40 -0.05 6.59
C VAL A 90 11.56 1.23 7.38
N ASP A 91 12.48 1.18 8.31
CA ASP A 91 12.77 2.26 9.23
C ASP A 91 13.80 3.29 8.69
N THR A 92 13.99 3.33 7.37
CA THR A 92 14.96 4.27 6.81
C THR A 92 14.71 5.78 7.08
N LYS A 93 15.76 6.47 7.50
CA LYS A 93 15.74 7.92 7.73
C LYS A 93 16.83 8.55 6.81
N PRO A 94 16.76 9.86 6.56
CA PRO A 94 17.77 10.49 5.67
C PRO A 94 19.19 10.33 6.14
N GLN A 95 20.11 9.95 5.24
CA GLN A 95 21.52 9.83 5.62
C GLN A 95 22.30 11.18 5.27
N THR A 96 23.61 11.12 4.98
CA THR A 96 24.35 12.36 4.66
C THR A 96 23.87 13.03 3.39
N GLY A 97 23.84 14.37 3.41
CA GLY A 97 23.39 15.12 2.26
C GLY A 97 24.51 15.43 1.25
N GLY A 98 24.33 16.45 0.42
CA GLY A 98 25.38 16.75 -0.55
C GLY A 98 25.65 15.62 -1.52
N GLY A 99 26.91 15.31 -1.80
CA GLY A 99 27.15 14.28 -2.77
C GLY A 99 26.73 12.89 -2.26
N TYR A 100 26.37 12.73 -0.99
CA TYR A 100 25.96 11.40 -0.54
C TYR A 100 24.50 11.10 -0.85
N LEU A 101 23.85 12.07 -1.45
CA LEU A 101 22.50 11.94 -1.93
C LEU A 101 21.42 11.61 -0.88
N GLY A 102 21.73 11.83 0.39
CA GLY A 102 20.74 11.54 1.42
C GLY A 102 20.54 10.05 1.68
N VAL A 103 21.29 9.16 1.00
CA VAL A 103 21.14 7.71 1.16
C VAL A 103 22.33 6.94 1.73
N PHE A 104 23.55 7.45 1.58
CA PHE A 104 24.69 6.71 2.13
C PHE A 104 25.51 7.68 2.97
N ASN A 105 26.51 7.17 3.67
CA ASN A 105 27.38 8.00 4.50
C ASN A 105 28.83 7.76 4.18
N SER A 106 29.14 6.86 3.27
CA SER A 106 30.55 6.67 2.95
C SER A 106 30.73 6.00 1.61
N LYS A 107 31.95 6.05 1.09
CA LYS A 107 32.24 5.37 -0.16
C LYS A 107 32.72 3.96 0.17
N GLU A 108 33.04 3.67 1.43
CA GLU A 108 33.44 2.30 1.69
C GLU A 108 32.15 1.47 1.74
N TYR A 109 32.23 0.19 1.40
CA TYR A 109 31.07 -0.70 1.42
C TYR A 109 30.59 -0.88 2.86
N ASP A 110 29.34 -0.53 3.14
CA ASP A 110 28.85 -0.72 4.49
C ASP A 110 27.66 -1.69 4.45
N LYS A 111 27.89 -2.92 4.89
CA LYS A 111 26.83 -3.93 4.85
C LYS A 111 25.66 -3.60 5.77
N THR A 112 25.87 -2.77 6.79
CA THR A 112 24.75 -2.46 7.64
C THR A 112 23.82 -1.42 6.99
N SER A 113 24.21 -0.90 5.83
CA SER A 113 23.34 0.09 5.16
C SER A 113 22.06 -0.58 4.62
N GLN A 114 22.24 -1.72 3.98
CA GLN A 114 21.16 -2.51 3.36
C GLN A 114 20.31 -1.66 2.41
N THR A 115 20.98 -0.82 1.62
CA THR A 115 20.28 0.05 0.67
C THR A 115 20.82 -0.14 -0.74
N VAL A 116 19.90 -0.19 -1.69
CA VAL A 116 20.25 -0.29 -3.10
C VAL A 116 19.64 0.99 -3.67
N ALA A 117 20.44 1.76 -4.42
CA ALA A 117 19.93 3.01 -5.00
C ALA A 117 20.34 3.16 -6.46
N VAL A 118 19.45 3.72 -7.27
CA VAL A 118 19.77 3.99 -8.65
C VAL A 118 19.91 5.53 -8.63
N GLU A 119 21.14 6.04 -8.86
CA GLU A 119 21.38 7.49 -8.86
C GLU A 119 21.42 8.20 -10.20
N PHE A 120 20.99 9.45 -10.19
CA PHE A 120 21.06 10.27 -11.38
C PHE A 120 21.89 11.39 -10.79
N ASP A 121 23.20 11.22 -10.92
CA ASP A 121 24.20 12.09 -10.29
C ASP A 121 24.62 13.26 -11.22
N THR A 122 24.40 14.49 -10.78
CA THR A 122 24.71 15.62 -11.62
C THR A 122 26.02 16.38 -11.27
N PHE A 123 26.78 15.93 -10.25
CA PHE A 123 27.98 16.66 -9.81
C PHE A 123 29.14 15.76 -9.54
N TYR A 124 30.31 16.13 -10.08
CA TYR A 124 31.48 15.28 -9.93
C TYR A 124 32.15 15.37 -8.61
N ASN A 125 32.07 14.32 -7.78
CA ASN A 125 32.74 14.28 -6.46
C ASN A 125 34.01 13.47 -6.70
N ALA A 126 35.12 14.18 -6.70
CA ALA A 126 36.39 13.54 -7.04
C ALA A 126 36.74 12.40 -6.17
N ALA A 127 36.27 12.38 -4.93
CA ALA A 127 36.64 11.26 -4.09
C ALA A 127 36.12 9.89 -4.55
N TRP A 128 35.10 9.85 -5.41
CA TRP A 128 34.52 8.55 -5.80
C TRP A 128 33.83 8.49 -7.14
N ASP A 129 33.44 9.63 -7.69
CA ASP A 129 32.73 9.59 -8.96
C ASP A 129 33.62 9.19 -10.13
N PRO A 130 33.03 8.65 -11.21
CA PRO A 130 33.85 8.25 -12.36
C PRO A 130 34.74 9.38 -12.92
N SER A 131 36.01 9.05 -13.16
CA SER A 131 37.03 10.00 -13.60
C SER A 131 36.76 10.87 -14.82
N ASN A 132 35.91 10.42 -15.75
CA ASN A 132 35.60 11.26 -16.90
C ASN A 132 34.93 12.54 -16.50
N LYS A 133 34.47 12.62 -15.24
CA LYS A 133 33.80 13.80 -14.72
C LYS A 133 32.44 14.11 -15.31
N GLU A 134 31.85 13.19 -16.06
CA GLU A 134 30.55 13.47 -16.63
C GLU A 134 29.41 13.10 -15.66
N ARG A 135 28.23 13.64 -15.94
CA ARG A 135 27.03 13.36 -15.17
C ARG A 135 26.72 11.92 -15.54
N HIS A 136 26.13 11.16 -14.62
CA HIS A 136 25.94 9.76 -14.88
C HIS A 136 24.80 9.13 -14.09
N ILE A 137 24.37 7.98 -14.59
CA ILE A 137 23.36 7.11 -13.97
C ILE A 137 24.21 6.02 -13.32
N GLY A 138 23.91 5.58 -12.10
CA GLY A 138 24.73 4.56 -11.49
C GLY A 138 23.90 3.66 -10.58
N ILE A 139 24.36 2.44 -10.33
CA ILE A 139 23.65 1.48 -9.47
C ILE A 139 24.53 1.47 -8.25
N ASP A 140 23.99 1.85 -7.09
CA ASP A 140 24.73 1.88 -5.85
C ASP A 140 24.25 0.76 -4.89
N VAL A 141 25.17 0.07 -4.25
CA VAL A 141 24.81 -0.99 -3.33
C VAL A 141 25.59 -0.81 -2.05
N ASN A 142 24.95 -0.31 -0.99
CA ASN A 142 25.62 -0.14 0.31
C ASN A 142 26.84 0.82 0.30
N SER A 143 26.90 1.74 -0.69
CA SER A 143 27.99 2.70 -0.81
C SER A 143 27.65 3.73 -1.87
N ILE A 144 28.22 4.93 -1.75
CA ILE A 144 27.97 6.02 -2.75
C ILE A 144 28.84 5.82 -4.02
N LYS A 145 29.78 4.89 -3.92
CA LYS A 145 30.64 4.58 -5.09
C LYS A 145 29.93 3.54 -5.93
N SER A 146 29.29 3.90 -7.03
CA SER A 146 28.55 2.92 -7.84
C SER A 146 29.28 1.68 -8.29
N VAL A 147 28.56 0.57 -8.46
CA VAL A 147 29.21 -0.64 -8.95
C VAL A 147 29.27 -0.56 -10.46
N ASN A 148 28.43 0.27 -11.06
CA ASN A 148 28.42 0.39 -12.53
C ASN A 148 27.84 1.74 -12.86
N THR A 149 28.32 2.46 -13.90
CA THR A 149 27.77 3.79 -14.22
C THR A 149 27.61 3.95 -15.70
N LYS A 150 26.88 4.97 -16.14
CA LYS A 150 26.68 5.22 -17.55
C LYS A 150 26.59 6.74 -17.68
N SER A 151 27.40 7.36 -18.51
CA SER A 151 27.36 8.81 -18.66
C SER A 151 26.01 9.19 -19.17
N TRP A 152 25.56 10.36 -18.78
CA TRP A 152 24.24 10.81 -19.18
C TRP A 152 24.27 12.31 -19.39
N ASN A 153 23.71 12.81 -20.48
CA ASN A 153 23.67 14.25 -20.68
C ASN A 153 22.38 14.86 -20.14
N LEU A 154 22.51 15.61 -19.07
CA LEU A 154 21.35 16.24 -18.50
C LEU A 154 20.69 17.25 -19.44
N GLN A 155 19.37 17.19 -19.57
CA GLN A 155 18.67 18.21 -20.33
C GLN A 155 17.96 19.01 -19.25
N ASN A 156 18.53 20.17 -18.94
CA ASN A 156 18.07 21.08 -17.92
C ASN A 156 16.59 21.51 -18.07
N GLY A 157 15.80 21.16 -17.05
CA GLY A 157 14.39 21.49 -17.03
C GLY A 157 13.51 20.62 -17.91
N GLU A 158 14.03 19.53 -18.48
CA GLU A 158 13.27 18.62 -19.35
C GLU A 158 12.75 17.48 -18.52
N ARG A 159 11.56 16.99 -18.86
CA ARG A 159 10.95 15.85 -18.17
C ARG A 159 11.56 14.53 -18.64
N ALA A 160 12.20 13.78 -17.75
CA ALA A 160 12.78 12.47 -18.10
C ALA A 160 11.81 11.32 -17.71
N ASN A 161 11.68 10.32 -18.55
CA ASN A 161 10.86 9.15 -18.21
C ASN A 161 11.84 8.05 -17.85
N VAL A 162 11.70 7.47 -16.67
CA VAL A 162 12.59 6.41 -16.24
C VAL A 162 11.80 5.10 -15.95
N VAL A 163 12.37 3.96 -16.34
CA VAL A 163 11.77 2.69 -16.01
C VAL A 163 12.88 1.87 -15.35
N ILE A 164 12.62 1.30 -14.16
CA ILE A 164 13.58 0.44 -13.46
C ILE A 164 12.91 -0.93 -13.23
N ALA A 165 13.55 -2.01 -13.65
CA ALA A 165 12.99 -3.36 -13.56
C ALA A 165 13.97 -4.32 -12.99
N PHE A 166 13.50 -5.19 -12.10
CA PHE A 166 14.35 -6.21 -11.50
C PHE A 166 13.76 -7.57 -11.84
N ASN A 167 14.56 -8.46 -12.41
CA ASN A 167 14.13 -9.78 -12.81
C ASN A 167 14.71 -10.75 -11.78
N ALA A 168 13.83 -11.38 -11.03
CA ALA A 168 14.27 -12.25 -9.97
C ALA A 168 14.91 -13.53 -10.46
N ALA A 169 14.60 -13.92 -11.69
CA ALA A 169 15.16 -15.16 -12.22
C ALA A 169 16.64 -15.04 -12.48
N THR A 170 17.00 -13.83 -12.84
CA THR A 170 18.32 -13.50 -13.28
C THR A 170 19.13 -12.63 -12.35
N ASN A 171 18.45 -11.96 -11.42
CA ASN A 171 19.07 -11.03 -10.49
C ASN A 171 19.60 -9.73 -11.19
N VAL A 172 19.12 -9.48 -12.41
CA VAL A 172 19.49 -8.29 -13.15
C VAL A 172 18.53 -7.12 -12.93
N LEU A 173 19.10 -5.99 -12.54
CA LEU A 173 18.37 -4.73 -12.37
C LEU A 173 18.67 -3.92 -13.64
N THR A 174 17.64 -3.43 -14.32
CA THR A 174 17.88 -2.64 -15.50
C THR A 174 17.24 -1.26 -15.35
N VAL A 175 17.93 -0.23 -15.85
CA VAL A 175 17.42 1.12 -15.73
C VAL A 175 17.40 1.72 -17.12
N THR A 176 16.38 2.49 -17.47
CA THR A 176 16.41 3.15 -18.75
C THR A 176 15.81 4.52 -18.54
N LEU A 177 16.50 5.56 -19.04
CA LEU A 177 16.02 6.95 -18.94
C LEU A 177 15.77 7.40 -20.38
N THR A 178 14.68 8.12 -20.62
CA THR A 178 14.40 8.60 -21.93
C THR A 178 13.92 10.03 -21.93
N TYR A 179 14.48 10.86 -22.83
CA TYR A 179 14.03 12.26 -23.04
C TYR A 179 13.27 12.19 -24.39
N PRO A 180 12.17 12.93 -24.52
CA PRO A 180 11.38 12.94 -25.75
C PRO A 180 12.15 13.53 -26.88
N ASN A 181 13.05 14.45 -26.55
CA ASN A 181 13.90 15.07 -27.54
C ASN A 181 15.32 14.55 -27.26
N THR B 1 -4.98 11.01 -11.45
CA THR B 1 -5.45 9.66 -11.13
C THR B 1 -4.55 8.95 -10.16
N GLU B 2 -5.18 8.12 -9.33
CA GLU B 2 -4.46 7.36 -8.34
C GLU B 2 -5.11 5.96 -8.24
N THR B 3 -4.33 4.88 -8.35
CA THR B 3 -4.87 3.54 -8.22
C THR B 3 -4.00 2.76 -7.23
N THR B 4 -4.60 1.76 -6.56
CA THR B 4 -3.89 0.90 -5.61
C THR B 4 -4.46 -0.49 -5.84
N SER B 5 -3.62 -1.51 -5.82
CA SER B 5 -4.09 -2.91 -5.98
C SER B 5 -3.15 -3.77 -5.16
N PHE B 6 -3.66 -4.88 -4.61
CA PHE B 6 -2.81 -5.81 -3.88
C PHE B 6 -3.58 -7.12 -3.90
N SER B 7 -2.87 -8.22 -3.66
CA SER B 7 -3.48 -9.50 -3.59
C SER B 7 -2.58 -10.35 -2.76
N ILE B 8 -3.18 -11.01 -1.77
CA ILE B 8 -2.44 -11.90 -0.88
C ILE B 8 -3.16 -13.25 -0.95
N THR B 9 -2.53 -14.27 -1.54
CA THR B 9 -3.17 -15.55 -1.60
C THR B 9 -2.71 -16.46 -0.50
N LYS B 10 -1.79 -16.02 0.34
CA LYS B 10 -1.31 -16.79 1.49
C LYS B 10 -0.59 -15.86 2.47
N PHE B 11 -1.09 -15.76 3.68
CA PHE B 11 -0.51 -14.87 4.66
C PHE B 11 0.77 -15.38 5.26
N SER B 12 1.69 -14.45 5.53
CA SER B 12 3.00 -14.75 6.12
C SER B 12 2.88 -14.57 7.60
N PRO B 13 3.79 -15.18 8.37
CA PRO B 13 3.70 -15.01 9.81
C PRO B 13 4.08 -13.60 10.21
N ASP B 14 4.88 -12.93 9.38
CA ASP B 14 5.22 -11.56 9.71
C ASP B 14 4.68 -10.76 8.55
N GLN B 15 3.42 -10.39 8.61
CA GLN B 15 2.75 -9.68 7.53
C GLN B 15 2.77 -8.21 7.89
N GLN B 16 3.89 -7.57 7.52
CA GLN B 16 4.14 -6.16 7.78
C GLN B 16 3.24 -5.16 7.10
N ASN B 17 2.55 -5.55 6.03
CA ASN B 17 1.63 -4.61 5.41
C ASN B 17 0.18 -4.67 6.01
N LEU B 18 0.01 -5.37 7.14
CA LEU B 18 -1.31 -5.43 7.79
C LEU B 18 -1.16 -4.92 9.20
N ILE B 19 -2.22 -4.34 9.74
CA ILE B 19 -2.19 -3.86 11.12
C ILE B 19 -3.18 -4.83 11.85
N PHE B 20 -2.76 -5.42 12.95
CA PHE B 20 -3.59 -6.38 13.66
C PHE B 20 -4.11 -5.76 14.91
N GLN B 21 -5.39 -5.99 15.22
CA GLN B 21 -5.97 -5.44 16.41
C GLN B 21 -6.73 -6.56 17.14
N GLY B 22 -6.87 -6.45 18.45
CA GLY B 22 -7.57 -7.46 19.19
C GLY B 22 -6.83 -8.77 19.09
N ASP B 23 -7.52 -9.85 18.74
CA ASP B 23 -6.89 -11.17 18.64
C ASP B 23 -6.43 -11.61 17.26
N GLY B 24 -6.52 -10.77 16.23
CA GLY B 24 -6.13 -11.20 14.90
C GLY B 24 -4.66 -11.54 14.78
N TYR B 25 -4.33 -12.59 14.04
CA TYR B 25 -2.93 -12.96 13.82
C TYR B 25 -2.95 -13.86 12.63
N THR B 26 -1.77 -14.06 12.01
CA THR B 26 -1.63 -14.93 10.86
C THR B 26 -1.00 -16.22 11.38
N THR B 27 -1.45 -17.33 10.80
CA THR B 27 -1.03 -18.66 11.18
C THR B 27 -1.33 -19.65 10.07
N LYS B 28 -0.37 -20.51 9.80
CA LYS B 28 -0.46 -21.55 8.78
C LYS B 28 -0.95 -21.06 7.43
N GLY B 29 -0.53 -19.86 7.03
CA GLY B 29 -0.90 -19.33 5.72
C GLY B 29 -2.23 -18.61 5.75
N LYS B 30 -2.83 -18.48 6.93
CA LYS B 30 -4.09 -17.78 6.95
C LYS B 30 -4.22 -16.75 8.00
N LEU B 31 -5.25 -15.92 7.83
CA LEU B 31 -5.55 -14.83 8.74
C LEU B 31 -6.70 -15.28 9.69
N THR B 32 -6.38 -15.45 10.97
CA THR B 32 -7.32 -15.86 12.01
C THR B 32 -7.81 -14.63 12.76
N LEU B 33 -9.08 -14.28 12.61
CA LEU B 33 -9.63 -13.15 13.32
C LEU B 33 -10.03 -13.57 14.76
N THR B 34 -10.73 -14.71 14.90
CA THR B 34 -11.06 -15.24 16.24
C THR B 34 -11.00 -16.76 16.16
N LYS B 35 -10.65 -17.33 17.29
CA LYS B 35 -10.70 -18.79 17.49
C LYS B 35 -12.13 -19.02 18.06
N ALA B 36 -12.53 -20.29 18.20
CA ALA B 36 -13.87 -20.65 18.72
C ALA B 36 -13.72 -20.55 20.24
N VAL B 37 -13.89 -19.34 20.72
CA VAL B 37 -13.68 -19.00 22.11
C VAL B 37 -14.67 -17.85 22.41
N LYS B 38 -15.10 -17.73 23.67
CA LYS B 38 -16.07 -16.71 24.05
C LYS B 38 -15.54 -15.29 24.13
N SER B 39 -16.45 -14.33 23.95
CA SER B 39 -16.16 -12.92 24.12
C SER B 39 -14.81 -12.43 23.65
N THR B 40 -14.58 -12.50 22.35
CA THR B 40 -13.33 -11.99 21.80
C THR B 40 -13.51 -11.18 20.53
N VAL B 41 -12.49 -10.41 20.17
CA VAL B 41 -12.58 -9.58 18.97
C VAL B 41 -11.21 -9.60 18.30
N GLY B 42 -11.23 -9.69 16.97
CA GLY B 42 -10.02 -9.69 16.19
C GLY B 42 -10.30 -8.83 14.98
N ARG B 43 -9.35 -7.96 14.58
CA ARG B 43 -9.51 -7.14 13.35
C ARG B 43 -8.13 -7.05 12.64
N ALA B 44 -8.17 -6.87 11.33
CA ALA B 44 -6.94 -6.75 10.54
C ALA B 44 -7.25 -5.70 9.49
N LEU B 45 -6.34 -4.73 9.39
CA LEU B 45 -6.51 -3.65 8.45
C LEU B 45 -5.30 -3.62 7.46
N TYR B 46 -5.58 -3.34 6.19
CA TYR B 46 -4.48 -3.16 5.26
C TYR B 46 -3.79 -1.86 5.79
N SER B 47 -2.45 -1.80 5.87
CA SER B 47 -1.81 -0.57 6.44
C SER B 47 -1.87 0.74 5.64
N THR B 48 -1.94 0.64 4.34
CA THR B 48 -1.97 1.81 3.51
C THR B 48 -3.27 2.60 3.51
N PRO B 49 -3.20 3.90 3.74
CA PRO B 49 -4.45 4.66 3.69
C PRO B 49 -4.88 4.67 2.23
N ILE B 50 -6.17 4.55 1.98
CA ILE B 50 -6.71 4.52 0.63
C ILE B 50 -7.46 5.82 0.36
N HIS B 51 -7.22 6.40 -0.80
CA HIS B 51 -7.83 7.68 -1.18
C HIS B 51 -9.14 7.33 -1.83
N ILE B 52 -10.24 7.52 -1.08
CA ILE B 52 -11.57 7.10 -1.53
C ILE B 52 -12.39 8.13 -2.29
N TRP B 53 -12.20 9.38 -1.92
CA TRP B 53 -12.82 10.49 -2.62
C TRP B 53 -11.87 11.73 -2.47
N ASP B 54 -11.99 12.64 -3.41
CA ASP B 54 -11.16 13.83 -3.42
C ASP B 54 -11.98 15.10 -3.22
N ARG B 55 -11.68 15.86 -2.18
CA ARG B 55 -12.43 17.08 -1.94
C ARG B 55 -12.25 18.15 -3.01
N ASP B 56 -11.10 18.15 -3.68
CA ASP B 56 -10.80 19.09 -4.76
C ASP B 56 -11.73 18.89 -5.93
N THR B 57 -11.75 17.69 -6.48
CA THR B 57 -12.61 17.44 -7.63
C THR B 57 -13.99 16.88 -7.31
N GLY B 58 -14.18 16.33 -6.12
CA GLY B 58 -15.47 15.72 -5.81
C GLY B 58 -15.54 14.32 -6.44
N ASN B 59 -14.43 13.86 -6.99
CA ASN B 59 -14.41 12.51 -7.57
C ASN B 59 -14.46 11.51 -6.43
N VAL B 60 -15.05 10.35 -6.70
CA VAL B 60 -15.15 9.28 -5.72
C VAL B 60 -14.56 8.07 -6.45
N ALA B 61 -13.84 7.22 -5.71
CA ALA B 61 -13.22 6.05 -6.31
C ALA B 61 -14.16 4.90 -6.60
N ASN B 62 -13.86 4.13 -7.65
CA ASN B 62 -14.54 2.88 -7.95
C ASN B 62 -13.60 1.86 -7.28
N PHE B 63 -14.12 0.79 -6.66
CA PHE B 63 -13.23 -0.22 -6.06
C PHE B 63 -13.91 -1.59 -6.05
N VAL B 64 -13.11 -2.67 -5.94
CA VAL B 64 -13.62 -4.05 -5.87
C VAL B 64 -12.68 -4.79 -4.94
N THR B 65 -13.22 -5.62 -4.05
CA THR B 65 -12.38 -6.42 -3.18
C THR B 65 -12.99 -7.84 -3.31
N SER B 66 -12.13 -8.82 -3.09
CA SER B 66 -12.49 -10.19 -3.25
C SER B 66 -11.76 -10.94 -2.14
N PHE B 67 -12.45 -11.84 -1.43
CA PHE B 67 -11.78 -12.59 -0.40
C PHE B 67 -12.47 -13.93 -0.16
N THR B 68 -11.78 -14.79 0.55
CA THR B 68 -12.25 -16.12 0.86
C THR B 68 -12.21 -16.22 2.38
N PHE B 69 -13.35 -16.59 3.00
CA PHE B 69 -13.42 -16.73 4.46
C PHE B 69 -14.13 -18.03 4.89
N VAL B 70 -13.85 -18.44 6.11
CA VAL B 70 -14.41 -19.65 6.66
C VAL B 70 -14.93 -19.33 8.07
N ILE B 71 -16.18 -19.78 8.36
CA ILE B 71 -16.72 -19.68 9.74
C ILE B 71 -16.79 -21.16 10.17
N ASP B 72 -16.16 -21.47 11.28
CA ASP B 72 -16.14 -22.85 11.73
C ASP B 72 -16.72 -22.88 13.16
N ALA B 73 -18.01 -23.21 13.28
CA ALA B 73 -18.70 -23.24 14.59
C ALA B 73 -18.84 -24.64 15.22
N PRO B 74 -18.97 -24.74 16.56
CA PRO B 74 -19.14 -26.06 17.23
C PRO B 74 -20.31 -26.91 16.64
N SER B 75 -21.38 -26.24 16.24
CA SER B 75 -22.51 -26.92 15.65
C SER B 75 -23.33 -25.87 14.97
N SER B 76 -24.40 -26.24 14.31
CA SER B 76 -25.18 -25.21 13.67
C SER B 76 -26.12 -24.49 14.58
N TYR B 77 -26.06 -24.81 15.86
CA TYR B 77 -26.88 -24.14 16.80
C TYR B 77 -26.09 -23.21 17.75
N ASN B 78 -24.80 -23.43 18.01
CA ASN B 78 -24.02 -22.52 18.87
C ASN B 78 -23.15 -21.74 17.85
N VAL B 79 -23.58 -20.58 17.36
CA VAL B 79 -22.76 -19.83 16.38
C VAL B 79 -22.94 -18.33 16.59
N ALA B 80 -21.85 -17.60 16.79
CA ALA B 80 -21.94 -16.14 16.93
C ALA B 80 -20.48 -15.60 16.87
N ASP B 81 -20.27 -14.34 16.51
CA ASP B 81 -21.32 -13.39 16.18
C ASP B 81 -21.34 -12.99 14.70
N GLY B 82 -20.21 -13.13 14.03
CA GLY B 82 -20.21 -12.68 12.64
C GLY B 82 -18.86 -12.10 12.23
N PHE B 83 -18.83 -11.63 11.01
CA PHE B 83 -17.59 -11.21 10.37
C PHE B 83 -17.99 -10.04 9.49
N THR B 84 -17.11 -9.05 9.34
CA THR B 84 -17.41 -7.95 8.43
C THR B 84 -16.16 -7.53 7.65
N PHE B 85 -16.46 -6.88 6.52
CA PHE B 85 -15.42 -6.21 5.74
C PHE B 85 -15.85 -4.75 6.01
N PHE B 86 -14.95 -3.86 6.39
CA PHE B 86 -15.37 -2.49 6.65
C PHE B 86 -14.38 -1.45 6.11
N ILE B 87 -14.84 -0.22 6.01
CA ILE B 87 -14.12 0.96 5.49
C ILE B 87 -14.30 1.99 6.60
N ALA B 88 -13.23 2.52 7.15
CA ALA B 88 -13.37 3.44 8.26
C ALA B 88 -12.24 4.47 8.24
N PRO B 89 -12.25 5.43 9.17
CA PRO B 89 -11.19 6.45 9.22
C PRO B 89 -9.86 5.76 9.49
N VAL B 90 -8.79 6.38 9.02
CA VAL B 90 -7.47 5.81 9.15
C VAL B 90 -7.08 5.41 10.57
N ASP B 91 -7.54 6.15 11.53
CA ASP B 91 -7.19 5.92 12.91
C ASP B 91 -8.17 4.94 13.63
N THR B 92 -8.89 4.13 12.87
CA THR B 92 -9.86 3.21 13.46
C THR B 92 -9.31 2.19 14.46
N LYS B 93 -9.99 2.08 15.60
CA LYS B 93 -9.61 1.10 16.64
C LYS B 93 -10.87 0.22 16.86
N PRO B 94 -10.72 -0.97 17.47
CA PRO B 94 -11.87 -1.87 17.71
C PRO B 94 -12.96 -1.23 18.57
N GLN B 95 -14.20 -1.34 18.11
CA GLN B 95 -15.34 -0.81 18.86
C GLN B 95 -15.97 -1.94 19.74
N THR B 96 -17.27 -1.86 20.06
CA THR B 96 -17.87 -2.88 20.95
C THR B 96 -17.88 -4.25 20.36
N GLY B 97 -17.59 -5.24 21.19
CA GLY B 97 -17.59 -6.61 20.71
C GLY B 97 -18.98 -7.28 20.66
N GLY B 98 -19.01 -8.62 20.69
CA GLY B 98 -20.30 -9.27 20.64
C GLY B 98 -21.14 -8.98 19.41
N GLY B 99 -22.41 -8.69 19.60
CA GLY B 99 -23.20 -8.50 18.43
C GLY B 99 -22.85 -7.22 17.71
N TYR B 100 -22.01 -6.37 18.28
CA TYR B 100 -21.65 -5.10 17.60
C TYR B 100 -20.53 -5.33 16.59
N LEU B 101 -19.98 -6.52 16.61
CA LEU B 101 -19.07 -6.91 15.57
C LEU B 101 -17.71 -6.17 15.57
N GLY B 102 -17.39 -5.48 16.65
CA GLY B 102 -16.13 -4.75 16.74
C GLY B 102 -16.06 -3.48 15.89
N VAL B 103 -17.17 -3.09 15.26
CA VAL B 103 -17.20 -1.90 14.40
C VAL B 103 -18.15 -0.79 14.81
N PHE B 104 -19.20 -1.10 15.58
CA PHE B 104 -20.12 -0.07 15.98
C PHE B 104 -20.37 -0.16 17.50
N ASN B 105 -21.04 0.81 18.07
CA ASN B 105 -21.32 0.79 19.51
C ASN B 105 -22.79 1.04 19.75
N SER B 106 -23.55 1.20 18.69
CA SER B 106 -24.95 1.51 18.85
C SER B 106 -25.81 1.16 17.64
N LYS B 107 -27.12 1.01 17.88
CA LYS B 107 -28.04 0.76 16.78
C LYS B 107 -28.60 2.08 16.31
N GLU B 108 -28.34 3.15 17.07
CA GLU B 108 -28.80 4.47 16.67
C GLU B 108 -27.73 5.02 15.70
N TYR B 109 -28.18 5.69 14.65
CA TYR B 109 -27.29 6.23 13.65
C TYR B 109 -26.30 7.20 14.27
N ASP B 110 -25.02 7.00 14.03
CA ASP B 110 -24.03 7.87 14.63
C ASP B 110 -23.13 8.39 13.51
N LYS B 111 -23.34 9.62 13.05
CA LYS B 111 -22.50 10.14 11.97
C LYS B 111 -21.04 10.32 12.34
N THR B 112 -20.70 10.36 13.62
CA THR B 112 -19.29 10.50 13.95
C THR B 112 -18.54 9.16 13.79
N SER B 113 -19.26 8.10 13.46
CA SER B 113 -18.63 6.80 13.32
C SER B 113 -17.90 6.73 11.99
N GLN B 114 -18.50 7.32 10.96
CA GLN B 114 -17.92 7.33 9.60
C GLN B 114 -17.41 5.97 9.14
N THR B 115 -18.20 4.92 9.39
CA THR B 115 -17.84 3.54 9.04
C THR B 115 -18.95 2.88 8.23
N VAL B 116 -18.56 2.22 7.15
CA VAL B 116 -19.47 1.46 6.31
C VAL B 116 -18.97 0.03 6.44
N ALA B 117 -19.87 -0.93 6.68
CA ALA B 117 -19.44 -2.33 6.86
C ALA B 117 -20.40 -3.27 6.19
N VAL B 118 -19.87 -4.35 5.62
CA VAL B 118 -20.68 -5.38 4.99
C VAL B 118 -20.54 -6.51 6.02
N GLU B 119 -21.68 -6.84 6.68
CA GLU B 119 -21.69 -7.91 7.70
C GLU B 119 -22.23 -9.25 7.21
N PHE B 120 -21.65 -10.27 7.80
CA PHE B 120 -22.00 -11.66 7.59
C PHE B 120 -22.35 -12.00 9.08
N ASP B 121 -23.63 -11.76 9.40
CA ASP B 121 -24.13 -11.86 10.78
C ASP B 121 -24.70 -13.30 11.07
N THR B 122 -24.10 -14.03 11.99
CA THR B 122 -24.58 -15.38 12.24
C THR B 122 -25.46 -15.57 13.50
N PHE B 123 -25.76 -14.49 14.24
CA PHE B 123 -26.50 -14.58 15.48
C PHE B 123 -27.58 -13.55 15.55
N TYR B 124 -28.78 -13.97 15.94
CA TYR B 124 -29.92 -13.03 16.02
C TYR B 124 -29.97 -12.21 17.28
N ASN B 125 -29.71 -10.90 17.15
CA ASN B 125 -29.77 -9.94 18.27
C ASN B 125 -31.13 -9.23 18.14
N ALA B 126 -32.05 -9.62 19.02
CA ALA B 126 -33.41 -9.11 19.00
C ALA B 126 -33.50 -7.63 18.98
N ALA B 127 -32.58 -6.91 19.61
CA ALA B 127 -32.69 -5.45 19.61
C ALA B 127 -32.64 -4.77 18.27
N TRP B 128 -32.06 -5.43 17.28
CA TRP B 128 -31.91 -4.81 15.94
C TRP B 128 -31.87 -5.72 14.72
N ASP B 129 -31.64 -7.02 14.85
CA ASP B 129 -31.57 -7.83 13.63
C ASP B 129 -32.91 -8.11 12.99
N PRO B 130 -32.95 -8.55 11.73
CA PRO B 130 -34.26 -8.81 11.08
C PRO B 130 -35.07 -9.83 11.88
N SER B 131 -36.36 -9.56 11.98
CA SER B 131 -37.29 -10.37 12.76
C SER B 131 -37.45 -11.82 12.35
N ASN B 132 -37.08 -12.16 11.11
CA ASN B 132 -37.17 -13.55 10.67
C ASN B 132 -36.14 -14.45 11.41
N LYS B 133 -35.30 -13.83 12.22
CA LYS B 133 -34.27 -14.55 12.97
C LYS B 133 -33.25 -15.34 12.17
N GLU B 134 -33.22 -15.14 10.86
CA GLU B 134 -32.25 -15.87 10.06
C GLU B 134 -30.87 -15.19 9.98
N ARG B 135 -29.84 -15.97 9.63
CA ARG B 135 -28.50 -15.43 9.46
C ARG B 135 -28.62 -14.60 8.19
N HIS B 136 -27.82 -13.55 8.08
CA HIS B 136 -27.96 -12.61 6.97
C HIS B 136 -26.69 -11.83 6.67
N ILE B 137 -26.67 -11.34 5.43
CA ILE B 137 -25.62 -10.48 4.91
C ILE B 137 -26.28 -9.10 5.04
N GLY B 138 -25.54 -8.09 5.48
CA GLY B 138 -26.18 -6.79 5.58
C GLY B 138 -25.19 -5.67 5.25
N ILE B 139 -25.73 -4.51 4.86
CA ILE B 139 -24.92 -3.32 4.55
C ILE B 139 -25.18 -2.39 5.73
N ASP B 140 -24.15 -2.07 6.50
CA ASP B 140 -24.23 -1.23 7.66
C ASP B 140 -23.59 0.17 7.43
N VAL B 141 -24.29 1.23 7.78
CA VAL B 141 -23.75 2.59 7.63
C VAL B 141 -23.90 3.37 8.94
N ASN B 142 -22.82 3.47 9.69
CA ASN B 142 -22.82 4.26 10.93
C ASN B 142 -23.75 3.70 11.98
N SER B 143 -24.04 2.40 11.93
CA SER B 143 -24.94 1.81 12.91
C SER B 143 -24.94 0.31 12.71
N ILE B 144 -25.19 -0.44 13.79
CA ILE B 144 -25.21 -1.92 13.68
C ILE B 144 -26.56 -2.40 13.06
N LYS B 145 -27.53 -1.50 12.93
CA LYS B 145 -28.82 -1.90 12.36
C LYS B 145 -28.72 -1.70 10.87
N SER B 146 -28.59 -2.77 10.08
CA SER B 146 -28.43 -2.67 8.62
C SER B 146 -29.47 -1.88 7.85
N VAL B 147 -29.04 -1.22 6.79
CA VAL B 147 -29.92 -0.47 5.92
C VAL B 147 -30.61 -1.46 5.00
N ASN B 148 -29.99 -2.61 4.77
CA ASN B 148 -30.57 -3.60 3.87
C ASN B 148 -29.94 -4.94 4.26
N THR B 149 -30.70 -6.06 4.18
CA THR B 149 -30.15 -7.38 4.55
C THR B 149 -30.67 -8.41 3.57
N LYS B 150 -30.06 -9.59 3.58
CA LYS B 150 -30.46 -10.67 2.73
C LYS B 150 -30.21 -11.95 3.54
N SER B 151 -31.20 -12.80 3.67
CA SER B 151 -30.99 -14.02 4.42
C SER B 151 -29.90 -14.84 3.74
N TRP B 152 -29.14 -15.56 4.55
CA TRP B 152 -28.05 -16.34 4.04
C TRP B 152 -27.95 -17.65 4.85
N ASN B 153 -27.83 -18.79 4.17
CA ASN B 153 -27.67 -20.04 4.92
C ASN B 153 -26.21 -20.42 5.09
N LEU B 154 -25.75 -20.28 6.31
CA LEU B 154 -24.38 -20.57 6.64
C LEU B 154 -24.02 -22.00 6.34
N GLN B 155 -22.90 -22.25 5.68
CA GLN B 155 -22.42 -23.61 5.52
C GLN B 155 -21.20 -23.74 6.47
N ASN B 156 -21.43 -24.37 7.61
CA ASN B 156 -20.43 -24.53 8.64
C ASN B 156 -19.13 -25.14 8.14
N GLY B 157 -18.03 -24.38 8.28
CA GLY B 157 -16.71 -24.86 7.89
C GLY B 157 -16.38 -24.84 6.41
N GLU B 158 -17.30 -24.37 5.55
CA GLU B 158 -17.10 -24.31 4.09
C GLU B 158 -16.45 -22.97 3.71
N ARG B 159 -15.61 -22.94 2.68
CA ARG B 159 -15.07 -21.66 2.26
C ARG B 159 -16.06 -20.91 1.38
N ALA B 160 -16.27 -19.63 1.71
CA ALA B 160 -17.16 -18.75 0.93
C ALA B 160 -16.27 -17.77 0.12
N ASN B 161 -16.63 -17.50 -1.13
CA ASN B 161 -15.89 -16.52 -1.88
C ASN B 161 -16.81 -15.35 -1.91
N VAL B 162 -16.27 -14.18 -1.56
CA VAL B 162 -17.02 -12.92 -1.57
C VAL B 162 -16.38 -11.88 -2.54
N VAL B 163 -17.23 -11.18 -3.27
CA VAL B 163 -16.79 -10.10 -4.09
C VAL B 163 -17.67 -8.91 -3.69
N ILE B 164 -17.06 -7.79 -3.30
CA ILE B 164 -17.77 -6.54 -2.92
C ILE B 164 -17.28 -5.44 -3.90
N ALA B 165 -18.17 -4.74 -4.56
CA ALA B 165 -17.82 -3.72 -5.56
C ALA B 165 -18.60 -2.48 -5.38
N PHE B 166 -17.95 -1.32 -5.55
CA PHE B 166 -18.63 -0.04 -5.43
C PHE B 166 -18.52 0.69 -6.75
N ASN B 167 -19.63 1.15 -7.30
CA ASN B 167 -19.62 1.85 -8.56
C ASN B 167 -19.87 3.33 -8.26
N ALA B 168 -18.84 4.15 -8.38
CA ALA B 168 -18.97 5.56 -8.05
C ALA B 168 -19.92 6.35 -8.95
N ALA B 169 -20.19 5.90 -10.15
CA ALA B 169 -21.11 6.65 -11.03
C ALA B 169 -22.56 6.50 -10.56
N THR B 170 -22.78 5.45 -9.81
CA THR B 170 -24.09 5.05 -9.39
C THR B 170 -24.25 5.08 -7.86
N ASN B 171 -23.14 5.09 -7.15
CA ASN B 171 -23.15 5.05 -5.70
C ASN B 171 -23.72 3.72 -5.16
N VAL B 172 -23.78 2.70 -5.99
CA VAL B 172 -24.26 1.38 -5.58
C VAL B 172 -23.14 0.47 -5.09
N LEU B 173 -23.30 -0.11 -3.90
CA LEU B 173 -22.35 -1.09 -3.34
C LEU B 173 -23.04 -2.48 -3.57
N THR B 174 -22.35 -3.44 -4.21
CA THR B 174 -22.85 -4.78 -4.50
C THR B 174 -22.03 -5.84 -3.77
N VAL B 175 -22.70 -6.81 -3.13
CA VAL B 175 -22.00 -7.87 -2.42
C VAL B 175 -22.52 -9.18 -2.99
N THR B 176 -21.65 -10.15 -3.21
CA THR B 176 -22.08 -11.45 -3.71
C THR B 176 -21.26 -12.43 -2.95
N LEU B 177 -21.93 -13.45 -2.38
CA LEU B 177 -21.24 -14.49 -1.65
C LEU B 177 -21.59 -15.78 -2.39
N THR B 178 -20.60 -16.66 -2.55
CA THR B 178 -20.81 -17.87 -3.24
C THR B 178 -20.18 -19.04 -2.55
N TYR B 179 -20.92 -20.16 -2.47
CA TYR B 179 -20.40 -21.44 -1.95
C TYR B 179 -20.28 -22.39 -3.18
N PRO B 180 -19.21 -23.18 -3.24
CA PRO B 180 -18.88 -24.16 -4.29
C PRO B 180 -20.08 -25.09 -4.48
N ASN B 181 -20.66 -25.50 -3.35
CA ASN B 181 -21.81 -26.37 -3.32
C ASN B 181 -23.04 -25.63 -2.81
N VAL C 1 14.23 11.61 -29.56
CA VAL C 1 14.08 10.96 -28.24
C VAL C 1 15.48 10.44 -28.01
N THR C 2 15.95 10.61 -26.80
CA THR C 2 17.28 10.19 -26.46
C THR C 2 17.18 9.25 -25.27
N SER C 3 17.82 8.10 -25.28
CA SER C 3 17.70 7.25 -24.11
C SER C 3 19.00 6.63 -23.70
N TYR C 4 19.04 6.14 -22.47
CA TYR C 4 20.24 5.59 -21.87
C TYR C 4 19.81 4.38 -21.05
N THR C 5 20.57 3.30 -21.12
CA THR C 5 20.28 2.10 -20.41
C THR C 5 21.47 1.61 -19.65
N LEU C 6 21.22 0.96 -18.52
CA LEU C 6 22.28 0.41 -17.70
C LEU C 6 21.69 -0.84 -17.01
N ASN C 7 22.50 -1.90 -16.90
CA ASN C 7 22.11 -3.10 -16.16
C ASN C 7 23.25 -3.59 -15.35
N GLU C 8 22.93 -4.25 -14.24
CA GLU C 8 23.94 -4.83 -13.37
C GLU C 8 23.22 -5.97 -12.62
N VAL C 9 23.96 -6.97 -12.19
CA VAL C 9 23.45 -8.10 -11.43
C VAL C 9 23.50 -7.62 -9.99
N VAL C 10 22.36 -7.58 -9.29
CA VAL C 10 22.29 -7.16 -7.89
C VAL C 10 21.54 -8.28 -7.15
N PRO C 11 22.24 -9.04 -6.30
CA PRO C 11 21.69 -10.15 -5.52
C PRO C 11 20.89 -9.55 -4.34
N LEU C 12 19.71 -9.02 -4.65
CA LEU C 12 18.84 -8.34 -3.68
C LEU C 12 18.69 -9.07 -2.34
N LYS C 13 18.49 -10.38 -2.42
CA LYS C 13 18.32 -11.26 -1.27
C LYS C 13 19.48 -11.13 -0.24
N ASP C 14 20.69 -10.89 -0.73
CA ASP C 14 21.83 -10.78 0.16
C ASP C 14 22.11 -9.38 0.63
N VAL C 15 21.37 -8.42 0.09
CA VAL C 15 21.61 -7.02 0.42
C VAL C 15 20.56 -6.36 1.31
N VAL C 16 19.30 -6.50 0.92
CA VAL C 16 18.20 -5.88 1.63
C VAL C 16 17.37 -6.85 2.51
N PRO C 17 16.65 -6.31 3.51
CA PRO C 17 15.83 -7.14 4.40
C PRO C 17 14.61 -7.71 3.57
N GLU C 18 13.88 -8.67 4.14
CA GLU C 18 12.70 -9.26 3.45
C GLU C 18 11.63 -8.23 3.11
N TRP C 19 11.44 -7.26 4.02
CA TRP C 19 10.48 -6.15 3.92
C TRP C 19 11.32 -4.85 3.77
N VAL C 20 10.91 -4.00 2.84
CA VAL C 20 11.60 -2.76 2.59
C VAL C 20 10.60 -1.66 2.29
N ARG C 21 11.09 -0.42 2.25
CA ARG C 21 10.30 0.72 1.78
C ARG C 21 11.09 1.28 0.59
N ILE C 22 10.36 1.73 -0.43
CA ILE C 22 10.97 2.25 -1.66
C ILE C 22 10.69 3.75 -1.65
N GLY C 23 11.52 4.56 -2.32
CA GLY C 23 11.26 6.00 -2.28
C GLY C 23 12.25 6.77 -3.15
N PHE C 24 12.25 8.09 -3.02
CA PHE C 24 13.09 8.96 -3.82
C PHE C 24 13.86 9.83 -2.87
N SER C 25 15.07 10.23 -3.27
CA SER C 25 15.90 11.13 -2.45
C SER C 25 16.51 12.14 -3.41
N ALA C 26 16.77 13.36 -2.97
CA ALA C 26 17.49 14.35 -3.85
C ALA C 26 18.13 15.28 -2.86
N THR C 27 19.33 15.75 -3.20
CA THR C 27 20.02 16.67 -2.31
C THR C 27 20.71 17.78 -3.14
N THR C 28 21.18 18.80 -2.44
CA THR C 28 21.98 19.88 -3.03
C THR C 28 23.11 20.10 -2.01
N GLY C 29 24.08 20.96 -2.33
CA GLY C 29 25.18 21.18 -1.39
C GLY C 29 25.66 22.59 -1.67
N ALA C 30 26.94 22.78 -2.00
CA ALA C 30 27.45 24.14 -2.34
C ALA C 30 26.85 24.53 -3.67
N GLU C 31 26.52 23.56 -4.52
CA GLU C 31 25.81 23.88 -5.76
C GLU C 31 24.37 23.33 -5.64
N PHE C 32 23.52 23.60 -6.62
CA PHE C 32 22.16 23.22 -6.44
C PHE C 32 21.25 23.20 -7.63
N ALA C 33 20.01 22.73 -7.38
CA ALA C 33 18.97 22.59 -8.39
C ALA C 33 17.67 22.12 -7.72
N ALA C 34 16.55 22.28 -8.43
CA ALA C 34 15.25 21.81 -7.97
C ALA C 34 15.10 20.39 -8.53
N HIS C 35 14.63 19.46 -7.70
CA HIS C 35 14.38 18.10 -8.14
C HIS C 35 12.89 17.80 -7.86
N GLU C 36 12.14 17.44 -8.90
CA GLU C 36 10.71 17.16 -8.81
C GLU C 36 10.36 15.85 -9.46
N VAL C 37 9.31 15.18 -8.94
CA VAL C 37 8.80 13.94 -9.52
C VAL C 37 7.34 14.28 -9.95
N HIS C 38 6.97 13.89 -11.16
CA HIS C 38 5.65 14.24 -11.65
C HIS C 38 4.62 13.09 -11.67
N SER C 39 5.07 11.85 -11.57
CA SER C 39 4.15 10.72 -11.58
C SER C 39 4.95 9.54 -11.16
N TRP C 40 4.32 8.48 -10.67
CA TRP C 40 5.06 7.33 -10.20
C TRP C 40 4.12 6.09 -10.19
N SER C 41 4.56 4.98 -10.78
CA SER C 41 3.79 3.76 -10.75
C SER C 41 4.74 2.63 -10.34
N PHE C 42 4.20 1.60 -9.67
CA PHE C 42 5.00 0.50 -9.16
C PHE C 42 4.24 -0.80 -9.18
N HIS C 43 4.99 -1.86 -9.33
CA HIS C 43 4.48 -3.22 -9.35
C HIS C 43 5.40 -4.23 -8.84
N SER C 44 4.98 -5.15 -7.96
CA SER C 44 5.88 -6.28 -7.62
C SER C 44 5.05 -7.60 -7.45
N GLN C 45 5.63 -8.75 -7.75
CA GLN C 45 4.93 -10.01 -7.52
C GLN C 45 5.93 -10.86 -6.81
N LEU C 46 5.56 -11.41 -5.67
CA LEU C 46 6.39 -12.33 -4.89
C LEU C 46 5.67 -13.69 -4.91
N GLY C 47 6.36 -14.70 -5.40
CA GLY C 47 5.82 -16.03 -5.45
C GLY C 47 5.03 -16.22 -6.75
N HIS C 48 4.13 -17.10 -6.79
N VAL D 1 -23.07 -24.98 -6.26
CA VAL D 1 -22.75 -23.53 -6.27
C VAL D 1 -23.98 -22.82 -5.72
N THR D 2 -23.85 -22.17 -4.58
CA THR D 2 -24.98 -21.46 -4.02
C THR D 2 -24.51 -20.00 -3.88
N SER D 3 -25.29 -19.03 -4.31
CA SER D 3 -24.85 -17.66 -4.12
C SER D 3 -25.93 -16.71 -3.70
N TYR D 4 -25.51 -15.59 -3.15
CA TYR D 4 -26.40 -14.59 -2.61
C TYR D 4 -25.86 -13.22 -2.98
N THR D 5 -26.70 -12.34 -3.50
CA THR D 5 -26.23 -11.00 -3.76
C THR D 5 -27.16 -9.99 -3.14
N LEU D 6 -26.60 -8.84 -2.83
CA LEU D 6 -27.31 -7.74 -2.20
C LEU D 6 -26.71 -6.43 -2.77
N ASN D 7 -27.56 -5.45 -3.09
CA ASN D 7 -27.14 -4.12 -3.60
C ASN D 7 -27.79 -3.09 -2.72
N GLU D 8 -27.14 -1.94 -2.55
CA GLU D 8 -27.76 -0.81 -1.84
C GLU D 8 -27.01 0.46 -2.31
N VAL D 9 -27.68 1.61 -2.43
CA VAL D 9 -26.96 2.82 -2.79
C VAL D 9 -26.40 3.37 -1.48
N VAL D 10 -25.08 3.58 -1.43
CA VAL D 10 -24.42 4.14 -0.25
C VAL D 10 -23.60 5.35 -0.78
N PRO D 11 -23.97 6.56 -0.37
CA PRO D 11 -23.25 7.75 -0.83
C PRO D 11 -21.96 7.88 0.01
N LEU D 12 -20.92 7.14 -0.39
CA LEU D 12 -19.65 7.12 0.39
C LEU D 12 -19.07 8.47 0.81
N LYS D 13 -19.13 9.40 -0.14
CA LYS D 13 -18.60 10.76 0.01
C LYS D 13 -19.17 11.48 1.26
N ASP D 14 -20.45 11.24 1.55
CA ASP D 14 -21.11 11.88 2.67
C ASP D 14 -20.90 11.13 3.93
N VAL D 15 -20.32 9.94 3.85
CA VAL D 15 -20.17 9.14 5.06
C VAL D 15 -18.76 8.94 5.60
N VAL D 16 -17.84 8.61 4.72
CA VAL D 16 -16.47 8.34 5.12
C VAL D 16 -15.48 9.49 4.76
N PRO D 17 -14.34 9.59 5.46
CA PRO D 17 -13.35 10.64 5.18
C PRO D 17 -12.77 10.44 3.75
N GLU D 18 -11.94 11.36 3.26
CA GLU D 18 -11.31 11.20 1.92
C GLU D 18 -10.30 10.05 1.91
N TRP D 19 -9.63 9.86 3.04
CA TRP D 19 -8.64 8.79 3.26
C TRP D 19 -9.25 7.85 4.33
N VAL D 20 -9.21 6.55 4.02
CA VAL D 20 -9.76 5.50 4.90
C VAL D 20 -8.78 4.33 4.97
N ARG D 21 -9.08 3.41 5.87
CA ARG D 21 -8.36 2.11 5.92
C ARG D 21 -9.49 1.10 5.79
N ILE D 22 -9.21 0.00 5.13
CA ILE D 22 -10.18 -1.08 4.88
C ILE D 22 -9.68 -2.25 5.68
N GLY D 23 -10.58 -3.11 6.16
CA GLY D 23 -10.12 -4.26 6.94
C GLY D 23 -11.23 -5.25 7.23
N PHE D 24 -10.95 -6.19 8.12
CA PHE D 24 -11.87 -7.26 8.51
C PHE D 24 -12.01 -7.22 10.02
N SER D 25 -13.20 -7.60 10.46
CA SER D 25 -13.50 -7.66 11.89
C SER D 25 -14.29 -8.93 12.14
N ALA D 26 -14.10 -9.58 13.28
CA ALA D 26 -14.97 -10.72 13.62
C ALA D 26 -14.99 -10.76 15.12
N THR D 27 -16.17 -11.09 15.69
CA THR D 27 -16.31 -11.18 17.14
C THR D 27 -17.10 -12.45 17.54
N THR D 28 -17.04 -12.76 18.83
CA THR D 28 -17.82 -13.83 19.45
C THR D 28 -18.41 -13.19 20.77
N GLY D 29 -19.37 -13.84 21.41
CA GLY D 29 -19.89 -13.27 22.65
C GLY D 29 -20.17 -14.46 23.57
N ALA D 30 -21.42 -14.57 24.02
CA ALA D 30 -21.82 -15.73 24.87
C ALA D 30 -21.72 -16.97 23.96
N GLU D 31 -21.99 -16.82 22.66
CA GLU D 31 -21.79 -17.92 21.74
C GLU D 31 -20.55 -17.67 20.84
N PHE D 32 -20.13 -18.65 20.04
CA PHE D 32 -18.87 -18.46 19.32
C PHE D 32 -18.59 -19.33 18.11
N ALA D 33 -17.47 -19.03 17.45
CA ALA D 33 -17.03 -19.70 16.23
C ALA D 33 -15.64 -19.13 15.86
N ALA D 34 -14.84 -19.89 15.09
CA ALA D 34 -13.55 -19.41 14.60
C ALA D 34 -13.89 -18.70 13.28
N HIS D 35 -13.31 -17.52 13.06
CA HIS D 35 -13.51 -16.77 11.82
C HIS D 35 -12.11 -16.59 11.19
N GLU D 36 -11.92 -17.01 9.95
CA GLU D 36 -10.62 -16.87 9.34
C GLU D 36 -10.77 -16.51 7.87
N VAL D 37 -9.74 -15.81 7.33
CA VAL D 37 -9.67 -15.32 5.94
C VAL D 37 -8.49 -16.04 5.28
N HIS D 38 -8.74 -16.52 4.05
CA HIS D 38 -7.78 -17.30 3.33
C HIS D 38 -7.03 -16.58 2.20
N SER D 39 -7.61 -15.51 1.69
CA SER D 39 -6.96 -14.79 0.63
C SER D 39 -7.70 -13.47 0.49
N TRP D 40 -7.05 -12.45 -0.08
CA TRP D 40 -7.67 -11.16 -0.19
C TRP D 40 -7.03 -10.37 -1.33
N SER D 41 -7.85 -9.75 -2.18
CA SER D 41 -7.36 -8.94 -3.28
C SER D 41 -8.23 -7.66 -3.32
N PHE D 42 -7.63 -6.54 -3.73
CA PHE D 42 -8.32 -5.27 -3.74
C PHE D 42 -7.81 -4.39 -4.88
N HIS D 43 -8.69 -3.62 -5.50
CA HIS D 43 -8.28 -2.73 -6.57
C HIS D 43 -9.18 -1.49 -6.41
N SER D 44 -8.57 -0.30 -6.39
CA SER D 44 -9.30 0.96 -6.25
C SER D 44 -8.78 1.95 -7.35
N GLN D 45 -9.63 2.83 -7.88
CA GLN D 45 -9.17 3.77 -8.88
C GLN D 45 -9.88 5.10 -8.68
N LEU D 46 -9.14 6.15 -8.38
CA LEU D 46 -9.66 7.50 -8.18
C LEU D 46 -9.25 8.40 -9.33
N GLY D 47 -10.23 8.91 -10.05
CA GLY D 47 -9.95 9.78 -11.17
C GLY D 47 -9.90 8.91 -12.42
N HIS D 48 -10.09 7.66 -12.32
#